data_8AKB
#
_entry.id   8AKB
#
_cell.length_a   90.974
_cell.length_b   90.974
_cell.length_c   144.316
_cell.angle_alpha   90.000
_cell.angle_beta   90.000
_cell.angle_gamma   120.000
#
_symmetry.space_group_name_H-M   'P 63'
#
loop_
_entity.id
_entity.type
_entity.pdbx_description
1 polymer 'NAD-dependent protein deacetylase sirtuin-6'
2 non-polymer '[(2R,3S,4R,5R)-5-(6-AMINOPURIN-9-YL)-3,4-DIHYDROXY-OXOLAN-2-YL]METHYL [HYDROXY-[[(2R,3S,4R,5S)-3,4,5-TRIHYDROXYOXOLAN-2-YL]METHOXY]PHOSPHORYL] HYDROGEN PHOSPHATE'
3 non-polymer 'ZINC ION'
4 non-polymer 4-NITROCATECHOL
5 non-polymer 1,2-ETHANEDIOL
6 non-polymer 'SULFATE ION'
7 non-polymer DI(HYDROXYETHYL)ETHER
8 water water
#
_entity_poly.entity_id   1
_entity_poly.type   'polypeptide(L)'
_entity_poly.pdbx_seq_one_letter_code
;GIDPFTADKGKCGLPEIFDPPEELERKVWELARLVWQSSSVVFHTGAGISTASGIPDFRGPHGVWTMEERGLAPKFDTTF
ESARPTQTHMALVQLERVGLLRFLVSQNVDGLHVRSGFPRDKLAELHGNMFVEECAKCKTQYVRDTVVGTMGLKATGRLC
TVAKARGLRACRGELRDTILDWEDSLPDRDLALADEASRNADLSITLGTSLQIRPSGNLPLATKRRGGRLVIVNLQPTKH
DRHADLRIHGYVDEVMTRLMKHLGLEIPAWDGPRVLERALPPLPRPPTPKLEPKEESPTRIN
;
_entity_poly.pdbx_strand_id   A,B
#
loop_
_chem_comp.id
_chem_comp.type
_chem_comp.name
_chem_comp.formula
4NC non-polymer 4-NITROCATECHOL 'C6 H5 N O4'
AR6 non-polymer '[(2R,3S,4R,5R)-5-(6-AMINOPURIN-9-YL)-3,4-DIHYDROXY-OXOLAN-2-YL]METHYL [HYDROXY-[[(2R,3S,4R,5S)-3,4,5-TRIHYDROXYOXOLAN-2-YL]METHOXY]PHOSPHORYL] HYDROGEN PHOSPHATE' 'C15 H23 N5 O14 P2'
EDO non-polymer 1,2-ETHANEDIOL 'C2 H6 O2'
PEG non-polymer DI(HYDROXYETHYL)ETHER 'C4 H10 O3'
SO4 non-polymer 'SULFATE ION' 'O4 S -2'
ZN non-polymer 'ZINC ION' 'Zn 2'
#
# COMPACT_ATOMS: atom_id res chain seq x y z
N PRO A 4 10.56 -14.48 26.07
CA PRO A 4 10.97 -13.64 24.96
C PRO A 4 11.60 -14.46 23.84
N PHE A 5 12.85 -14.86 24.05
CA PHE A 5 13.58 -15.80 23.16
C PHE A 5 12.79 -17.10 23.11
N THR A 6 12.33 -17.52 24.29
CA THR A 6 11.62 -18.80 24.51
C THR A 6 10.23 -18.75 23.89
N ALA A 7 9.61 -17.56 23.88
CA ALA A 7 8.17 -17.39 23.57
C ALA A 7 7.79 -18.17 22.31
N ASP A 8 6.65 -18.88 22.38
CA ASP A 8 6.10 -19.66 21.25
C ASP A 8 5.47 -18.69 20.26
N LYS A 9 5.91 -18.77 19.01
CA LYS A 9 5.43 -17.86 17.94
C LYS A 9 4.54 -18.66 16.99
N GLY A 10 4.09 -19.84 17.45
CA GLY A 10 3.09 -20.69 16.78
C GLY A 10 3.54 -21.10 15.39
N LYS A 11 2.60 -21.56 14.56
CA LYS A 11 2.88 -22.12 13.21
C LYS A 11 3.13 -20.94 12.24
N CYS A 12 4.34 -20.83 11.73
CA CYS A 12 4.79 -19.76 10.79
C CYS A 12 5.14 -20.37 9.43
N GLY A 13 4.85 -19.66 8.32
CA GLY A 13 5.28 -20.02 6.95
C GLY A 13 4.45 -21.13 6.32
N LEU A 14 3.26 -21.41 6.83
CA LEU A 14 2.29 -22.33 6.19
C LEU A 14 2.04 -21.86 4.76
N PRO A 15 1.68 -22.77 3.82
CA PRO A 15 1.45 -22.37 2.43
C PRO A 15 0.19 -21.49 2.31
N GLU A 16 0.15 -20.65 1.28
CA GLU A 16 -1.05 -19.85 0.98
C GLU A 16 -2.02 -20.71 0.17
N ILE A 17 -3.30 -20.46 0.36
CA ILE A 17 -4.42 -21.04 -0.45
C ILE A 17 -4.97 -19.90 -1.30
N PHE A 18 -5.28 -20.19 -2.56
CA PHE A 18 -5.84 -19.23 -3.54
C PHE A 18 -7.11 -19.81 -4.14
N ASP A 19 -8.27 -19.42 -3.58
CA ASP A 19 -9.61 -19.69 -4.13
C ASP A 19 -9.63 -19.18 -5.58
N PRO A 20 -10.04 -19.99 -6.56
CA PRO A 20 -10.06 -19.53 -7.96
C PRO A 20 -11.18 -18.51 -8.16
N PRO A 21 -11.07 -17.61 -9.16
CA PRO A 21 -11.97 -16.46 -9.28
C PRO A 21 -13.47 -16.76 -9.11
N GLU A 22 -13.91 -17.88 -9.71
CA GLU A 22 -15.34 -18.33 -9.73
C GLU A 22 -15.80 -18.58 -8.30
N GLU A 23 -14.99 -19.33 -7.54
CA GLU A 23 -15.26 -19.72 -6.12
C GLU A 23 -15.12 -18.49 -5.20
N LEU A 24 -14.16 -17.62 -5.52
CA LEU A 24 -13.91 -16.35 -4.78
C LEU A 24 -15.11 -15.41 -4.97
N GLU A 25 -15.44 -15.08 -6.21
CA GLU A 25 -16.57 -14.19 -6.60
C GLU A 25 -17.86 -14.63 -5.91
N ARG A 26 -18.10 -15.95 -5.84
CA ARG A 26 -19.33 -16.58 -5.28
C ARG A 26 -19.32 -16.49 -3.75
N LYS A 27 -18.17 -16.72 -3.12
CA LYS A 27 -18.00 -16.73 -1.64
C LYS A 27 -18.20 -15.31 -1.09
N VAL A 28 -17.88 -14.28 -1.86
CA VAL A 28 -18.02 -12.86 -1.43
C VAL A 28 -19.49 -12.45 -1.57
N TRP A 29 -20.22 -13.00 -2.53
CA TRP A 29 -21.69 -12.81 -2.69
C TRP A 29 -22.43 -13.44 -1.49
N GLU A 30 -21.87 -14.48 -0.91
CA GLU A 30 -22.41 -15.18 0.27
C GLU A 30 -22.06 -14.34 1.51
N LEU A 31 -20.91 -13.68 1.50
CA LEU A 31 -20.47 -12.76 2.58
C LEU A 31 -21.39 -11.53 2.54
N ALA A 32 -21.55 -10.95 1.34
CA ALA A 32 -22.56 -9.93 1.03
C ALA A 32 -23.90 -10.29 1.70
N ARG A 33 -24.40 -11.50 1.46
CA ARG A 33 -25.71 -11.98 1.98
C ARG A 33 -25.72 -11.99 3.51
N LEU A 34 -24.59 -12.35 4.13
CA LEU A 34 -24.47 -12.53 5.59
C LEU A 34 -24.36 -11.18 6.29
N VAL A 35 -23.74 -10.19 5.66
CA VAL A 35 -23.74 -8.77 6.15
C VAL A 35 -25.17 -8.25 6.13
N TRP A 36 -25.94 -8.52 5.06
CA TRP A 36 -27.35 -8.05 4.94
C TRP A 36 -28.24 -8.73 5.98
N GLN A 37 -28.01 -10.03 6.21
CA GLN A 37 -28.82 -10.87 7.14
C GLN A 37 -28.56 -10.46 8.59
N SER A 38 -27.35 -10.00 8.90
CA SER A 38 -26.85 -9.82 10.29
C SER A 38 -27.29 -8.46 10.84
N SER A 39 -27.80 -8.46 12.08
CA SER A 39 -28.15 -7.26 12.89
C SER A 39 -26.89 -6.60 13.43
N SER A 40 -25.91 -7.39 13.86
CA SER A 40 -24.70 -6.96 14.60
C SER A 40 -23.43 -7.62 14.04
N VAL A 41 -22.66 -6.90 13.22
CA VAL A 41 -21.47 -7.43 12.49
C VAL A 41 -20.20 -6.88 13.14
N VAL A 42 -19.32 -7.77 13.61
CA VAL A 42 -18.02 -7.42 14.27
C VAL A 42 -16.89 -7.92 13.37
N PHE A 43 -15.88 -7.10 13.12
CA PHE A 43 -14.68 -7.46 12.31
C PHE A 43 -13.51 -7.65 13.25
N HIS A 44 -12.79 -8.77 13.11
CA HIS A 44 -11.51 -9.04 13.81
C HIS A 44 -10.38 -8.90 12.79
N THR A 45 -9.44 -7.97 12.99
CA THR A 45 -8.33 -7.77 12.02
C THR A 45 -6.97 -8.16 12.62
N GLY A 46 -6.04 -8.46 11.71
CA GLY A 46 -4.65 -8.84 12.00
C GLY A 46 -3.75 -8.47 10.82
N ALA A 47 -2.44 -8.62 11.01
CA ALA A 47 -1.37 -7.92 10.26
C ALA A 47 -1.56 -8.02 8.74
N GLY A 48 -2.36 -8.96 8.25
CA GLY A 48 -2.62 -9.21 6.82
C GLY A 48 -3.39 -8.09 6.14
N ILE A 49 -4.14 -7.29 6.89
CA ILE A 49 -4.88 -6.13 6.30
C ILE A 49 -3.92 -4.95 6.08
N SER A 50 -2.68 -5.02 6.58
CA SER A 50 -1.67 -3.93 6.48
C SER A 50 -0.53 -4.29 5.52
N THR A 51 -0.51 -5.50 4.94
CA THR A 51 0.62 -5.98 4.09
C THR A 51 0.66 -5.20 2.77
N ALA A 52 -0.50 -4.82 2.22
CA ALA A 52 -0.60 -4.02 0.97
C ALA A 52 -0.12 -2.58 1.18
N SER A 53 0.08 -2.15 2.44
CA SER A 53 0.72 -0.85 2.82
C SER A 53 2.25 -0.95 2.90
N GLY A 54 2.81 -2.17 2.86
CA GLY A 54 4.26 -2.41 2.94
C GLY A 54 4.71 -2.88 4.33
N ILE A 55 3.77 -3.09 5.27
CA ILE A 55 4.08 -3.60 6.64
C ILE A 55 4.02 -5.12 6.59
N PRO A 56 5.14 -5.84 6.81
CA PRO A 56 5.11 -7.29 6.74
C PRO A 56 4.23 -7.80 7.88
N ASP A 57 3.61 -8.97 7.69
CA ASP A 57 2.87 -9.69 8.74
C ASP A 57 3.88 -10.45 9.61
N PHE A 58 3.41 -11.37 10.45
CA PHE A 58 4.24 -12.12 11.43
C PHE A 58 4.52 -13.54 10.93
N ARG A 59 3.49 -14.28 10.54
CA ARG A 59 3.58 -15.76 10.34
C ARG A 59 3.39 -16.15 8.87
N GLY A 60 3.23 -15.20 7.96
CA GLY A 60 3.08 -15.47 6.52
C GLY A 60 4.40 -15.77 5.84
N PRO A 61 4.42 -15.97 4.49
CA PRO A 61 5.64 -16.36 3.78
C PRO A 61 6.87 -15.53 4.15
N HIS A 62 6.72 -14.20 4.18
CA HIS A 62 7.81 -13.24 4.46
C HIS A 62 7.51 -12.50 5.79
N GLY A 63 6.83 -13.18 6.71
CA GLY A 63 6.48 -12.66 8.04
C GLY A 63 7.71 -12.46 8.91
N VAL A 64 7.58 -11.62 9.94
CA VAL A 64 8.65 -11.30 10.92
C VAL A 64 9.19 -12.61 11.50
N TRP A 65 8.31 -13.41 12.12
CA TRP A 65 8.65 -14.72 12.74
C TRP A 65 9.08 -15.72 11.68
N THR A 66 8.49 -15.67 10.49
CA THR A 66 8.75 -16.66 9.40
C THR A 66 10.17 -16.49 8.86
N MET A 67 10.58 -15.25 8.54
CA MET A 67 11.94 -14.94 8.01
C MET A 67 12.98 -15.15 9.12
N GLU A 68 12.58 -14.97 10.38
CA GLU A 68 13.46 -15.12 11.57
C GLU A 68 13.85 -16.60 11.74
N GLU A 69 12.88 -17.51 11.60
CA GLU A 69 13.11 -18.98 11.63
C GLU A 69 14.15 -19.37 10.56
N ARG A 70 14.06 -18.80 9.36
CA ARG A 70 14.99 -19.10 8.23
C ARG A 70 16.21 -18.18 8.26
N GLY A 71 16.42 -17.43 9.35
CA GLY A 71 17.63 -16.61 9.58
C GLY A 71 17.69 -15.40 8.65
N LEU A 72 16.53 -14.94 8.18
CA LEU A 72 16.38 -13.74 7.30
C LEU A 72 15.69 -12.64 8.09
N ALA A 73 15.60 -11.44 7.51
CA ALA A 73 15.01 -10.25 8.16
C ALA A 73 13.67 -9.95 7.48
N PRO A 74 12.64 -9.48 8.23
CA PRO A 74 11.44 -8.96 7.59
C PRO A 74 11.83 -7.70 6.81
N LYS A 75 11.13 -7.41 5.71
CA LYS A 75 11.39 -6.22 4.87
C LYS A 75 10.17 -5.30 4.92
N PHE A 76 10.35 -4.08 5.42
CA PHE A 76 9.34 -3.00 5.43
C PHE A 76 9.53 -2.17 4.15
N ASP A 77 8.45 -1.93 3.43
CA ASP A 77 8.42 -1.11 2.19
C ASP A 77 7.96 0.31 2.54
N THR A 78 7.72 0.56 3.84
CA THR A 78 7.35 1.89 4.38
C THR A 78 7.76 2.03 5.85
N THR A 79 7.78 3.25 6.36
CA THR A 79 7.82 3.53 7.83
C THR A 79 6.38 3.47 8.33
N PHE A 80 6.19 3.28 9.63
CA PHE A 80 4.85 3.26 10.28
C PHE A 80 4.19 4.62 10.05
N GLU A 81 4.99 5.69 10.11
CA GLU A 81 4.51 7.10 9.99
C GLU A 81 4.01 7.39 8.58
N SER A 82 4.66 6.83 7.54
CA SER A 82 4.38 7.11 6.11
C SER A 82 3.49 6.01 5.49
N ALA A 83 2.96 5.10 6.30
CA ALA A 83 2.08 3.99 5.83
C ALA A 83 0.66 4.53 5.61
N ARG A 84 0.09 4.32 4.42
CA ARG A 84 -1.33 4.65 4.15
C ARG A 84 -2.17 3.45 4.55
N PRO A 85 -3.28 3.66 5.29
CA PRO A 85 -4.32 2.63 5.44
C PRO A 85 -4.68 1.96 4.10
N THR A 86 -5.00 0.67 4.12
CA THR A 86 -5.40 -0.10 2.92
C THR A 86 -6.85 0.21 2.58
N GLN A 87 -7.22 -0.15 1.35
CA GLN A 87 -8.61 -0.27 0.84
C GLN A 87 -9.47 -0.98 1.90
N THR A 88 -8.95 -2.03 2.51
CA THR A 88 -9.62 -2.79 3.61
C THR A 88 -9.84 -1.88 4.82
N HIS A 89 -8.82 -1.10 5.21
CA HIS A 89 -8.85 -0.15 6.35
C HIS A 89 -9.93 0.90 6.12
N MET A 90 -10.02 1.39 4.88
CA MET A 90 -10.97 2.44 4.46
C MET A 90 -12.36 1.84 4.22
N ALA A 91 -12.45 0.56 3.82
CA ALA A 91 -13.73 -0.17 3.68
C ALA A 91 -14.36 -0.36 5.07
N LEU A 92 -13.53 -0.67 6.07
CA LEU A 92 -14.01 -0.88 7.46
C LEU A 92 -14.54 0.44 8.03
N VAL A 93 -14.03 1.57 7.52
CA VAL A 93 -14.44 2.92 7.98
C VAL A 93 -15.87 3.17 7.48
N GLN A 94 -16.11 3.00 6.18
CA GLN A 94 -17.43 3.18 5.54
C GLN A 94 -18.46 2.26 6.17
N LEU A 95 -18.10 0.99 6.39
CA LEU A 95 -19.02 -0.03 6.96
C LEU A 95 -19.50 0.40 8.35
N GLU A 96 -18.63 1.05 9.14
CA GLU A 96 -19.01 1.56 10.48
C GLU A 96 -19.94 2.77 10.28
N ARG A 97 -19.64 3.63 9.31
CA ARG A 97 -20.32 4.94 9.13
C ARG A 97 -21.77 4.70 8.72
N VAL A 98 -22.00 3.66 7.92
CA VAL A 98 -23.31 3.28 7.35
C VAL A 98 -24.06 2.32 8.28
N GLY A 99 -23.46 1.91 9.41
CA GLY A 99 -24.13 1.15 10.49
C GLY A 99 -24.09 -0.36 10.27
N LEU A 100 -23.28 -0.82 9.31
CA LEU A 100 -23.12 -2.26 8.99
C LEU A 100 -21.93 -2.86 9.74
N LEU A 101 -21.38 -2.16 10.74
CA LEU A 101 -20.24 -2.64 11.57
C LEU A 101 -20.44 -2.20 13.02
N ARG A 102 -20.75 -3.13 13.93
CA ARG A 102 -21.00 -2.83 15.36
C ARG A 102 -19.67 -2.51 16.06
N PHE A 103 -18.70 -3.43 15.99
CA PHE A 103 -17.41 -3.29 16.69
C PHE A 103 -16.29 -3.84 15.81
N LEU A 104 -15.11 -3.24 15.93
CA LEU A 104 -13.88 -3.69 15.23
C LEU A 104 -12.86 -4.08 16.31
N VAL A 105 -12.26 -5.27 16.17
CA VAL A 105 -11.25 -5.83 17.11
C VAL A 105 -9.95 -6.11 16.34
N SER A 106 -8.84 -5.43 16.68
CA SER A 106 -7.55 -5.64 15.99
C SER A 106 -6.47 -6.08 16.97
N GLN A 107 -5.57 -6.91 16.45
CA GLN A 107 -4.33 -7.40 17.11
C GLN A 107 -3.17 -6.54 16.61
N ASN A 108 -3.41 -5.68 15.62
CA ASN A 108 -2.35 -4.83 15.01
C ASN A 108 -2.01 -3.67 15.94
N VAL A 109 -0.72 -3.36 16.02
CA VAL A 109 -0.11 -2.22 16.76
C VAL A 109 0.35 -1.15 15.76
N ASP A 110 0.17 -1.39 14.46
CA ASP A 110 0.64 -0.51 13.35
C ASP A 110 -0.04 0.85 13.38
N GLY A 111 -1.18 0.98 14.09
CA GLY A 111 -1.77 2.29 14.35
C GLY A 111 -2.68 2.80 13.24
N LEU A 112 -3.00 1.98 12.23
CA LEU A 112 -3.58 2.45 10.94
C LEU A 112 -5.09 2.66 11.06
N HIS A 113 -5.78 1.72 11.70
CA HIS A 113 -7.20 1.89 12.08
C HIS A 113 -7.45 3.30 12.56
N VAL A 114 -6.74 3.73 13.60
CA VAL A 114 -6.95 5.08 14.21
C VAL A 114 -6.60 6.13 13.16
N ARG A 115 -5.40 6.04 12.59
CA ARG A 115 -4.96 7.00 11.55
C ARG A 115 -5.94 6.98 10.38
N SER A 116 -6.72 5.91 10.20
CA SER A 116 -7.73 5.76 9.12
C SER A 116 -8.94 6.69 9.33
N GLY A 117 -9.18 7.13 10.57
CA GLY A 117 -10.33 7.97 10.96
C GLY A 117 -11.41 7.13 11.63
N PHE A 118 -11.07 5.89 11.99
CA PHE A 118 -12.02 4.91 12.55
C PHE A 118 -12.35 5.28 14.00
N PRO A 119 -13.62 5.29 14.41
CA PRO A 119 -13.97 5.67 15.79
C PRO A 119 -13.36 4.75 16.87
N ARG A 120 -12.55 5.32 17.74
CA ARG A 120 -11.82 4.63 18.82
C ARG A 120 -12.79 3.94 19.79
N ASP A 121 -14.03 4.43 19.91
CA ASP A 121 -15.02 3.89 20.88
C ASP A 121 -15.70 2.64 20.29
N LYS A 122 -15.41 2.32 19.02
CA LYS A 122 -15.90 1.09 18.33
C LYS A 122 -14.72 0.19 17.97
N LEU A 123 -13.56 0.44 18.57
CA LEU A 123 -12.29 -0.28 18.30
C LEU A 123 -11.66 -0.73 19.62
N ALA A 124 -11.30 -2.02 19.70
CA ALA A 124 -10.31 -2.57 20.65
C ALA A 124 -9.00 -2.79 19.89
N GLU A 125 -7.93 -2.13 20.34
CA GLU A 125 -6.53 -2.37 19.90
C GLU A 125 -5.92 -3.33 20.94
N LEU A 126 -6.00 -4.63 20.69
CA LEU A 126 -5.83 -5.67 21.75
C LEU A 126 -4.36 -5.83 22.12
N HIS A 127 -3.43 -5.51 21.21
CA HIS A 127 -1.96 -5.59 21.45
C HIS A 127 -1.37 -4.18 21.54
N GLY A 128 -2.22 -3.15 21.57
CA GLY A 128 -1.81 -1.74 21.72
C GLY A 128 -1.59 -1.04 20.39
N ASN A 129 -0.95 0.12 20.44
CA ASN A 129 -0.83 1.07 19.29
C ASN A 129 0.52 1.77 19.43
N MET A 130 1.37 1.70 18.39
CA MET A 130 2.74 2.28 18.37
C MET A 130 2.69 3.81 18.56
N PHE A 131 1.58 4.43 18.19
CA PHE A 131 1.41 5.92 18.22
C PHE A 131 0.80 6.37 19.56
N VAL A 132 0.29 5.43 20.37
CA VAL A 132 -0.51 5.77 21.58
C VAL A 132 0.32 5.48 22.83
N GLU A 133 0.67 6.54 23.57
CA GLU A 133 1.21 6.43 24.95
C GLU A 133 0.08 6.75 25.93
N GLU A 134 0.17 6.20 27.15
CA GLU A 134 -0.90 6.25 28.18
C GLU A 134 -0.30 6.72 29.51
N CYS A 135 -0.97 7.65 30.19
CA CYS A 135 -0.54 8.15 31.51
C CYS A 135 -0.79 7.06 32.55
N ALA A 136 0.27 6.65 33.26
CA ALA A 136 0.19 5.66 34.34
C ALA A 136 -0.77 6.16 35.42
N LYS A 137 -0.67 7.45 35.75
CA LYS A 137 -1.43 8.05 36.88
C LYS A 137 -2.92 8.08 36.55
N CYS A 138 -3.32 8.69 35.43
CA CYS A 138 -4.76 8.97 35.17
C CYS A 138 -5.32 8.16 33.99
N LYS A 139 -4.47 7.39 33.30
CA LYS A 139 -4.92 6.48 32.21
C LYS A 139 -5.37 7.29 30.98
N THR A 140 -4.90 8.53 30.85
CA THR A 140 -5.18 9.39 29.66
C THR A 140 -4.23 9.00 28.52
N GLN A 141 -4.77 8.71 27.33
CA GLN A 141 -4.01 8.24 26.15
C GLN A 141 -3.65 9.44 25.26
N TYR A 142 -2.55 9.34 24.54
CA TYR A 142 -2.09 10.37 23.57
C TYR A 142 -1.80 9.66 22.24
N VAL A 143 -2.69 9.85 21.27
CA VAL A 143 -2.51 9.43 19.85
C VAL A 143 -1.50 10.40 19.23
N ARG A 144 -0.26 9.97 19.02
CA ARG A 144 0.86 10.85 18.54
C ARG A 144 0.98 10.75 17.02
N ASP A 145 1.82 11.59 16.41
CA ASP A 145 1.98 11.74 14.94
C ASP A 145 3.21 10.98 14.46
N THR A 146 4.07 10.55 15.40
CA THR A 146 5.20 9.63 15.17
C THR A 146 5.07 8.47 16.15
N VAL A 147 5.72 7.33 15.84
CA VAL A 147 5.65 6.11 16.71
C VAL A 147 6.32 6.44 18.04
N VAL A 148 5.65 6.14 19.15
CA VAL A 148 6.22 6.15 20.53
C VAL A 148 7.44 5.22 20.54
N GLY A 149 8.59 5.72 20.96
CA GLY A 149 9.92 5.14 20.68
C GLY A 149 10.24 3.88 21.46
N THR A 150 9.37 3.45 22.39
CA THR A 150 9.62 2.29 23.29
C THR A 150 8.59 1.17 23.02
N MET A 151 8.78 0.02 23.66
CA MET A 151 7.89 -1.17 23.60
C MET A 151 7.93 -1.89 24.94
N GLY A 152 6.80 -2.48 25.36
CA GLY A 152 6.68 -3.27 26.60
C GLY A 152 6.24 -2.43 27.78
N LEU A 153 5.33 -1.48 27.55
CA LEU A 153 4.69 -0.63 28.59
C LEU A 153 5.77 0.14 29.38
N LYS A 154 6.83 0.57 28.70
CA LYS A 154 7.98 1.32 29.28
C LYS A 154 7.71 2.83 29.18
N ALA A 155 8.27 3.59 30.12
CA ALA A 155 8.22 5.08 30.16
C ALA A 155 8.84 5.64 28.87
N THR A 156 8.15 6.61 28.24
CA THR A 156 8.54 7.20 26.94
C THR A 156 9.51 8.37 27.18
N GLY A 157 9.37 9.06 28.33
CA GLY A 157 10.16 10.25 28.68
C GLY A 157 9.28 11.48 28.84
N ARG A 158 8.10 11.48 28.18
CA ARG A 158 7.11 12.59 28.27
C ARG A 158 6.26 12.41 29.53
N LEU A 159 5.63 13.49 29.99
CA LEU A 159 4.72 13.49 31.17
C LEU A 159 3.32 13.96 30.76
N CYS A 160 2.32 13.59 31.56
CA CYS A 160 0.88 13.91 31.34
C CYS A 160 0.68 15.42 31.42
N THR A 161 -0.35 15.94 30.74
CA THR A 161 -0.60 17.40 30.57
C THR A 161 -2.06 17.75 30.93
N VAL A 162 -2.77 16.86 31.64
CA VAL A 162 -4.18 17.07 32.07
C VAL A 162 -4.20 18.15 33.15
N ALA A 163 -5.22 19.03 33.13
CA ALA A 163 -5.39 20.19 34.03
C ALA A 163 -5.31 19.76 35.49
N CYS A 171 -1.16 16.81 36.66
CA CYS A 171 -1.00 15.33 36.71
C CYS A 171 0.49 14.98 36.61
N ARG A 172 1.16 15.47 35.56
CA ARG A 172 2.60 15.21 35.30
C ARG A 172 2.89 13.71 35.46
N GLY A 173 1.89 12.88 35.19
CA GLY A 173 1.99 11.41 35.29
C GLY A 173 2.90 10.83 34.22
N GLU A 174 3.61 9.76 34.57
CA GLU A 174 4.56 9.05 33.65
C GLU A 174 3.76 8.53 32.44
N LEU A 175 4.19 8.89 31.22
CA LEU A 175 3.64 8.36 29.94
C LEU A 175 4.47 7.16 29.49
N ARG A 176 3.80 6.04 29.20
CA ARG A 176 4.42 4.76 28.74
C ARG A 176 3.73 4.31 27.44
N ASP A 177 4.39 3.45 26.66
CA ASP A 177 3.83 2.86 25.42
C ASP A 177 2.67 1.93 25.80
N THR A 178 1.89 1.50 24.79
CA THR A 178 0.69 0.63 24.96
C THR A 178 0.96 -0.75 24.36
N ILE A 179 2.18 -0.99 23.87
CA ILE A 179 2.60 -2.25 23.18
C ILE A 179 2.86 -3.33 24.24
N LEU A 180 1.96 -4.32 24.32
CA LEU A 180 2.10 -5.50 25.23
C LEU A 180 3.41 -6.22 24.92
N ASP A 181 4.17 -6.58 25.97
CA ASP A 181 5.30 -7.54 25.88
C ASP A 181 4.71 -8.95 25.96
N TRP A 182 5.51 -9.99 25.65
CA TRP A 182 5.05 -11.40 25.62
C TRP A 182 4.37 -11.78 26.95
N GLU A 183 4.87 -11.28 28.08
CA GLU A 183 4.36 -11.63 29.44
C GLU A 183 3.09 -10.84 29.75
N ASP A 184 2.97 -9.62 29.21
CA ASP A 184 1.92 -8.64 29.58
C ASP A 184 0.53 -9.17 29.22
N SER A 185 -0.42 -9.05 30.15
CA SER A 185 -1.87 -9.32 29.96
C SER A 185 -2.46 -8.24 29.04
N LEU A 186 -3.55 -8.58 28.34
CA LEU A 186 -4.27 -7.63 27.43
C LEU A 186 -4.93 -6.53 28.27
N PRO A 187 -5.13 -5.32 27.70
CA PRO A 187 -5.88 -4.27 28.39
C PRO A 187 -7.34 -4.70 28.58
N ASP A 188 -7.82 -4.65 29.84
CA ASP A 188 -9.12 -5.23 30.27
C ASP A 188 -10.29 -4.50 29.62
N ARG A 189 -10.22 -3.17 29.53
CA ARG A 189 -11.30 -2.33 28.92
C ARG A 189 -11.52 -2.76 27.47
N ASP A 190 -10.45 -2.77 26.68
CA ASP A 190 -10.48 -3.15 25.24
C ASP A 190 -10.97 -4.59 25.09
N LEU A 191 -10.39 -5.52 25.87
CA LEU A 191 -10.70 -6.98 25.82
C LEU A 191 -12.16 -7.21 26.24
N ALA A 192 -12.63 -6.48 27.26
CA ALA A 192 -14.02 -6.59 27.78
C ALA A 192 -15.01 -6.18 26.71
N LEU A 193 -14.82 -4.99 26.11
CA LEU A 193 -15.71 -4.46 25.04
C LEU A 193 -15.63 -5.41 23.83
N ALA A 194 -14.43 -5.89 23.51
CA ALA A 194 -14.15 -6.82 22.39
C ALA A 194 -14.87 -8.15 22.61
N ASP A 195 -14.98 -8.60 23.87
CA ASP A 195 -15.61 -9.88 24.26
C ASP A 195 -17.13 -9.75 24.18
N GLU A 196 -17.69 -8.70 24.78
CA GLU A 196 -19.14 -8.35 24.72
C GLU A 196 -19.58 -8.30 23.26
N ALA A 197 -18.88 -7.51 22.44
CA ALA A 197 -19.13 -7.35 20.99
C ALA A 197 -19.16 -8.72 20.31
N SER A 198 -18.17 -9.56 20.61
CA SER A 198 -17.94 -10.90 20.00
C SER A 198 -19.08 -11.87 20.37
N ARG A 199 -19.44 -11.91 21.66
CA ARG A 199 -20.53 -12.76 22.21
C ARG A 199 -21.87 -12.29 21.65
N ASN A 200 -22.13 -10.97 21.65
CA ASN A 200 -23.42 -10.37 21.22
C ASN A 200 -23.59 -10.46 19.70
N ALA A 201 -22.50 -10.53 18.95
CA ALA A 201 -22.49 -10.54 17.45
C ALA A 201 -23.30 -11.72 16.93
N ASP A 202 -23.97 -11.54 15.78
CA ASP A 202 -24.54 -12.65 14.98
C ASP A 202 -23.64 -12.91 13.78
N LEU A 203 -22.73 -11.97 13.45
CA LEU A 203 -21.70 -12.19 12.40
C LEU A 203 -20.34 -11.69 12.88
N SER A 204 -19.35 -12.57 12.87
CA SER A 204 -17.92 -12.26 13.13
C SER A 204 -17.12 -12.57 11.86
N ILE A 205 -16.46 -11.57 11.29
CA ILE A 205 -15.61 -11.72 10.06
C ILE A 205 -14.17 -11.46 10.48
N THR A 206 -13.26 -12.40 10.27
CA THR A 206 -11.81 -12.21 10.56
C THR A 206 -11.10 -11.83 9.25
N LEU A 207 -10.26 -10.78 9.27
CA LEU A 207 -9.55 -10.24 8.07
C LEU A 207 -8.04 -10.25 8.29
N GLY A 208 -7.31 -11.14 7.61
CA GLY A 208 -5.83 -11.15 7.62
C GLY A 208 -5.24 -11.42 8.99
N THR A 209 -5.88 -12.27 9.81
CA THR A 209 -5.30 -12.82 11.07
C THR A 209 -5.23 -14.35 10.98
N SER A 210 -4.18 -14.95 11.55
CA SER A 210 -3.98 -16.42 11.63
C SER A 210 -4.75 -17.02 12.82
N LEU A 211 -5.21 -16.18 13.74
CA LEU A 211 -6.06 -16.57 14.91
C LEU A 211 -5.31 -17.57 15.78
N GLN A 212 -4.01 -17.35 15.99
CA GLN A 212 -3.08 -18.27 16.69
C GLN A 212 -2.83 -17.82 18.13
N ILE A 213 -3.19 -16.58 18.48
CA ILE A 213 -2.91 -15.96 19.82
C ILE A 213 -4.17 -16.10 20.69
N ARG A 214 -3.96 -16.40 21.98
CA ARG A 214 -5.02 -16.38 23.02
C ARG A 214 -4.93 -15.06 23.77
N PRO A 215 -6.07 -14.42 24.13
CA PRO A 215 -7.41 -14.84 23.73
C PRO A 215 -7.94 -14.15 22.46
N SER A 216 -7.13 -13.29 21.85
CA SER A 216 -7.47 -12.50 20.63
C SER A 216 -8.13 -13.41 19.60
N GLY A 217 -7.41 -14.47 19.18
CA GLY A 217 -7.80 -15.40 18.11
C GLY A 217 -9.08 -16.16 18.41
N ASN A 218 -9.42 -16.33 19.71
CA ASN A 218 -10.57 -17.15 20.17
C ASN A 218 -11.89 -16.34 20.16
N LEU A 219 -11.84 -15.01 20.05
CA LEU A 219 -13.03 -14.12 20.17
C LEU A 219 -14.04 -14.35 19.05
N PRO A 220 -13.61 -14.51 17.78
CA PRO A 220 -14.52 -14.86 16.70
C PRO A 220 -15.37 -16.12 17.00
N LEU A 221 -14.91 -17.00 17.90
CA LEU A 221 -15.59 -18.28 18.26
C LEU A 221 -16.70 -18.04 19.28
N ALA A 222 -16.61 -16.93 20.03
CA ALA A 222 -17.66 -16.49 20.98
C ALA A 222 -18.94 -16.18 20.20
N THR A 223 -18.78 -15.60 19.01
CA THR A 223 -19.88 -15.30 18.06
C THR A 223 -20.63 -16.61 17.72
N LYS A 224 -19.90 -17.67 17.41
CA LYS A 224 -20.50 -18.94 16.90
C LYS A 224 -21.43 -19.55 17.97
N ARG A 225 -21.10 -19.41 19.26
CA ARG A 225 -22.01 -19.72 20.39
C ARG A 225 -23.25 -18.80 20.29
N ARG A 226 -24.45 -19.36 20.51
CA ARG A 226 -25.77 -18.69 20.36
C ARG A 226 -26.09 -18.51 18.86
N GLY A 227 -25.47 -19.32 17.99
CA GLY A 227 -25.88 -19.50 16.58
C GLY A 227 -25.33 -18.45 15.64
N GLY A 228 -24.37 -17.63 16.10
CA GLY A 228 -23.72 -16.60 15.26
C GLY A 228 -22.90 -17.25 14.15
N ARG A 229 -22.73 -16.54 13.02
CA ARG A 229 -21.95 -17.03 11.86
C ARG A 229 -20.52 -16.48 11.95
N LEU A 230 -19.53 -17.27 11.52
CA LEU A 230 -18.08 -16.96 11.53
C LEU A 230 -17.56 -17.02 10.09
N VAL A 231 -16.99 -15.92 9.59
CA VAL A 231 -16.34 -15.85 8.24
C VAL A 231 -14.86 -15.52 8.43
N ILE A 232 -13.99 -16.34 7.83
CA ILE A 232 -12.51 -16.20 7.90
C ILE A 232 -11.98 -15.82 6.52
N VAL A 233 -11.40 -14.63 6.37
CA VAL A 233 -10.73 -14.18 5.11
C VAL A 233 -9.22 -14.11 5.38
N ASN A 234 -8.46 -15.04 4.82
CA ASN A 234 -7.03 -15.26 5.13
C ASN A 234 -6.40 -16.03 3.97
N LEU A 235 -5.16 -15.69 3.60
CA LEU A 235 -4.43 -16.36 2.48
C LEU A 235 -3.92 -17.74 2.94
N GLN A 236 -3.74 -17.93 4.24
CA GLN A 236 -3.23 -19.17 4.87
C GLN A 236 -4.32 -19.82 5.70
N PRO A 237 -4.16 -21.12 6.04
CA PRO A 237 -4.96 -21.72 7.11
C PRO A 237 -4.89 -20.86 8.38
N THR A 238 -5.75 -21.15 9.36
CA THR A 238 -5.89 -20.42 10.65
C THR A 238 -6.35 -21.40 11.73
N LYS A 239 -5.96 -21.19 12.99
CA LYS A 239 -6.25 -22.14 14.09
C LYS A 239 -7.67 -22.69 13.92
N HIS A 240 -8.66 -21.80 13.79
CA HIS A 240 -10.10 -22.13 13.93
C HIS A 240 -10.81 -22.24 12.57
N ASP A 241 -10.10 -22.57 11.49
CA ASP A 241 -10.70 -22.78 10.14
C ASP A 241 -11.90 -23.74 10.23
N ARG A 242 -11.85 -24.72 11.15
CA ARG A 242 -12.87 -25.78 11.32
C ARG A 242 -14.23 -25.17 11.72
N HIS A 243 -14.22 -24.05 12.45
CA HIS A 243 -15.44 -23.47 13.08
C HIS A 243 -16.11 -22.46 12.14
N ALA A 244 -15.49 -22.13 11.01
CA ALA A 244 -15.97 -21.12 10.05
C ALA A 244 -17.18 -21.68 9.27
N ASP A 245 -18.16 -20.81 8.97
CA ASP A 245 -19.26 -21.10 8.02
C ASP A 245 -18.81 -20.74 6.60
N LEU A 246 -17.70 -20.01 6.46
CA LEU A 246 -17.18 -19.51 5.15
C LEU A 246 -15.73 -19.09 5.35
N ARG A 247 -14.80 -19.74 4.66
CA ARG A 247 -13.38 -19.33 4.58
C ARG A 247 -13.12 -18.81 3.17
N ILE A 248 -12.59 -17.59 3.05
CA ILE A 248 -12.22 -16.99 1.73
C ILE A 248 -10.69 -16.85 1.70
N HIS A 249 -10.07 -17.45 0.70
CA HIS A 249 -8.60 -17.51 0.51
C HIS A 249 -8.23 -16.59 -0.65
N GLY A 250 -7.83 -15.37 -0.30
CA GLY A 250 -7.51 -14.30 -1.25
C GLY A 250 -7.09 -13.05 -0.54
N TYR A 251 -6.55 -12.10 -1.32
CA TYR A 251 -6.18 -10.74 -0.86
C TYR A 251 -7.45 -10.07 -0.33
N VAL A 252 -7.37 -9.49 0.86
CA VAL A 252 -8.54 -8.93 1.61
C VAL A 252 -9.01 -7.67 0.88
N ASP A 253 -8.07 -6.90 0.32
CA ASP A 253 -8.36 -5.69 -0.50
C ASP A 253 -9.29 -6.07 -1.65
N GLU A 254 -9.08 -7.23 -2.28
CA GLU A 254 -9.91 -7.72 -3.40
C GLU A 254 -11.32 -8.07 -2.86
N VAL A 255 -11.35 -8.85 -1.78
CA VAL A 255 -12.60 -9.37 -1.14
C VAL A 255 -13.45 -8.19 -0.70
N MET A 256 -12.83 -7.28 0.04
CA MET A 256 -13.50 -6.07 0.62
C MET A 256 -13.84 -5.08 -0.49
N THR A 257 -13.10 -5.00 -1.60
CA THR A 257 -13.48 -4.09 -2.73
C THR A 257 -14.70 -4.65 -3.45
N ARG A 258 -14.73 -5.97 -3.69
CA ARG A 258 -15.88 -6.68 -4.30
C ARG A 258 -17.07 -6.63 -3.33
N LEU A 259 -16.85 -6.89 -2.04
CA LEU A 259 -17.92 -6.86 -1.00
C LEU A 259 -18.61 -5.49 -1.02
N MET A 260 -17.84 -4.41 -0.86
CA MET A 260 -18.38 -3.03 -0.80
C MET A 260 -19.20 -2.74 -2.07
N LYS A 261 -18.72 -3.20 -3.23
CA LYS A 261 -19.42 -3.04 -4.53
C LYS A 261 -20.77 -3.79 -4.50
N HIS A 262 -20.84 -4.95 -3.86
CA HIS A 262 -22.13 -5.71 -3.72
C HIS A 262 -23.05 -4.94 -2.77
N LEU A 263 -22.47 -4.25 -1.77
CA LEU A 263 -23.22 -3.53 -0.70
C LEU A 263 -23.66 -2.15 -1.18
N GLY A 264 -23.16 -1.70 -2.33
CA GLY A 264 -23.52 -0.40 -2.96
C GLY A 264 -22.78 0.74 -2.29
N LEU A 265 -21.60 0.46 -1.73
CA LEU A 265 -20.84 1.42 -0.89
C LEU A 265 -19.55 1.84 -1.62
N GLU A 266 -19.22 3.12 -1.56
CA GLU A 266 -17.92 3.65 -2.04
C GLU A 266 -16.90 3.49 -0.89
N ILE A 267 -15.67 3.13 -1.23
CA ILE A 267 -14.51 3.13 -0.28
C ILE A 267 -13.98 4.56 -0.23
N PRO A 268 -14.12 5.26 0.92
CA PRO A 268 -13.78 6.68 1.01
C PRO A 268 -12.28 7.01 0.86
N ALA A 269 -12.01 8.28 0.52
CA ALA A 269 -10.66 8.87 0.40
C ALA A 269 -10.02 8.97 1.78
N TRP A 270 -8.70 8.81 1.83
CA TRP A 270 -7.87 9.07 3.04
C TRP A 270 -7.28 10.48 2.95
N ASP A 271 -7.70 11.36 3.85
CA ASP A 271 -7.32 12.80 3.88
C ASP A 271 -6.01 12.98 4.67
N GLY A 272 -5.31 11.88 4.96
CA GLY A 272 -4.12 11.86 5.82
C GLY A 272 -4.51 11.50 7.26
N PRO A 273 -3.53 11.33 8.17
CA PRO A 273 -3.82 10.86 9.54
C PRO A 273 -4.91 11.71 10.21
N ARG A 274 -6.04 11.10 10.57
CA ARG A 274 -7.09 11.79 11.38
C ARG A 274 -7.49 10.91 12.58
N VAL A 275 -7.84 11.51 13.73
CA VAL A 275 -8.22 10.82 15.00
C VAL A 275 -9.67 11.13 15.31
N LEU A 276 -10.52 10.10 15.33
CA LEU A 276 -11.95 10.17 15.69
C LEU A 276 -12.18 9.43 17.01
N GLU A 277 -12.25 10.16 18.12
CA GLU A 277 -12.52 9.57 19.46
C GLU A 277 -13.84 8.82 19.44
N ARG A 278 -14.94 9.49 19.10
CA ARG A 278 -16.32 8.95 19.24
C ARG A 278 -16.96 8.78 17.86
N ALA A 279 -17.83 7.77 17.73
CA ALA A 279 -18.57 7.40 16.50
C ALA A 279 -19.80 8.29 16.36
N LEU A 280 -20.18 8.58 15.12
CA LEU A 280 -21.32 9.46 14.75
C LEU A 280 -22.55 8.60 14.53
N PRO A 281 -23.78 9.18 14.49
CA PRO A 281 -24.97 8.44 14.10
C PRO A 281 -24.75 7.85 12.70
N PRO A 282 -25.40 6.71 12.37
CA PRO A 282 -25.21 6.09 11.06
C PRO A 282 -25.55 7.01 9.87
N LEU A 283 -24.73 6.98 8.82
CA LEU A 283 -24.98 7.70 7.55
C LEU A 283 -25.97 6.90 6.71
N PRO A 284 -26.74 7.53 5.80
CA PRO A 284 -27.61 6.78 4.90
C PRO A 284 -26.86 5.59 4.26
N ARG A 285 -27.56 4.49 3.98
CA ARG A 285 -26.98 3.33 3.24
C ARG A 285 -28.03 2.72 2.31
N PRO A 286 -27.60 2.05 1.21
CA PRO A 286 -28.53 1.48 0.24
C PRO A 286 -29.55 0.53 0.87
N PRO A 287 -30.73 0.35 0.24
CA PRO A 287 -31.74 -0.57 0.76
C PRO A 287 -31.35 -2.02 0.46
N THR A 288 -31.75 -2.93 1.35
CA THR A 288 -31.31 -4.34 1.40
C THR A 288 -31.99 -5.10 0.27
N PRO A 289 -31.26 -5.91 -0.52
CA PRO A 289 -31.89 -6.85 -1.45
C PRO A 289 -32.83 -7.85 -0.74
N LYS A 290 -33.76 -8.42 -1.51
CA LYS A 290 -34.57 -9.60 -1.12
C LYS A 290 -33.66 -10.82 -1.17
N LEU A 291 -33.52 -11.53 -0.04
CA LEU A 291 -32.50 -12.60 0.15
C LEU A 291 -33.13 -13.99 -0.07
N GLU A 292 -34.18 -14.32 0.69
CA GLU A 292 -34.83 -15.66 0.70
C GLU A 292 -35.86 -15.71 -0.43
N LYS B 9 21.08 -10.18 -14.79
CA LYS B 9 20.07 -9.52 -13.88
C LYS B 9 20.78 -8.55 -12.93
N GLY B 10 22.05 -8.20 -13.21
CA GLY B 10 22.83 -7.15 -12.54
C GLY B 10 23.02 -7.40 -11.05
N LYS B 11 23.49 -6.38 -10.33
CA LYS B 11 23.73 -6.42 -8.85
C LYS B 11 22.39 -6.41 -8.11
N CYS B 12 22.10 -7.48 -7.38
CA CYS B 12 20.84 -7.68 -6.58
C CYS B 12 21.20 -7.83 -5.10
N GLY B 13 20.32 -7.35 -4.22
CA GLY B 13 20.40 -7.58 -2.76
C GLY B 13 21.42 -6.70 -2.06
N LEU B 14 21.91 -5.64 -2.71
CA LEU B 14 22.81 -4.64 -2.09
C LEU B 14 22.14 -4.11 -0.82
N PRO B 15 22.92 -3.64 0.18
CA PRO B 15 22.32 -3.17 1.43
C PRO B 15 21.57 -1.85 1.18
N GLU B 16 20.57 -1.57 2.03
CA GLU B 16 19.82 -0.28 1.98
C GLU B 16 20.59 0.76 2.79
N ILE B 17 20.53 2.01 2.32
CA ILE B 17 21.05 3.21 3.03
C ILE B 17 19.84 3.97 3.57
N PHE B 18 19.95 4.51 4.77
CA PHE B 18 18.89 5.28 5.48
C PHE B 18 19.46 6.61 5.97
N ASP B 19 19.33 7.64 5.14
CA ASP B 19 19.61 9.05 5.51
C ASP B 19 18.86 9.32 6.81
N PRO B 20 19.54 9.86 7.86
CA PRO B 20 18.87 10.17 9.12
C PRO B 20 17.95 11.38 8.97
N PRO B 21 16.88 11.49 9.79
CA PRO B 21 15.80 12.45 9.56
C PRO B 21 16.25 13.87 9.20
N GLU B 22 17.27 14.35 9.91
CA GLU B 22 17.86 15.72 9.79
C GLU B 22 18.38 15.91 8.36
N GLU B 23 19.16 14.94 7.88
CA GLU B 23 19.80 14.94 6.53
C GLU B 23 18.73 14.72 5.46
N LEU B 24 17.75 13.85 5.75
CA LEU B 24 16.60 13.57 4.85
C LEU B 24 15.77 14.85 4.67
N GLU B 25 15.26 15.40 5.78
CA GLU B 25 14.43 16.64 5.83
C GLU B 25 15.09 17.75 5.01
N ARG B 26 16.42 17.89 5.12
CA ARG B 26 17.22 18.97 4.52
C ARG B 26 17.36 18.73 3.01
N LYS B 27 17.59 17.47 2.61
CA LYS B 27 17.81 17.05 1.19
C LYS B 27 16.54 17.25 0.37
N VAL B 28 15.36 17.11 1.00
CA VAL B 28 14.05 17.23 0.31
C VAL B 28 13.72 18.73 0.14
N TRP B 29 14.22 19.57 1.05
CA TRP B 29 14.12 21.06 0.94
C TRP B 29 15.00 21.52 -0.24
N GLU B 30 16.11 20.83 -0.49
CA GLU B 30 17.03 21.09 -1.62
C GLU B 30 16.38 20.59 -2.92
N LEU B 31 15.62 19.48 -2.84
CA LEU B 31 14.85 18.93 -3.98
C LEU B 31 13.72 19.91 -4.32
N ALA B 32 12.93 20.30 -3.31
CA ALA B 32 11.94 21.40 -3.37
C ALA B 32 12.53 22.57 -4.18
N ARG B 33 13.71 23.05 -3.78
CA ARG B 33 14.41 24.22 -4.37
C ARG B 33 14.70 23.98 -5.85
N LEU B 34 15.07 22.75 -6.22
CA LEU B 34 15.48 22.37 -7.59
C LEU B 34 14.25 22.23 -8.50
N VAL B 35 13.12 21.78 -7.95
CA VAL B 35 11.81 21.76 -8.67
C VAL B 35 11.43 23.22 -9.00
N TRP B 36 11.58 24.14 -8.04
CA TRP B 36 11.21 25.57 -8.21
C TRP B 36 12.13 26.26 -9.24
N GLN B 37 13.42 25.93 -9.22
CA GLN B 37 14.46 26.49 -10.11
C GLN B 37 14.25 26.00 -11.54
N SER B 38 13.80 24.75 -11.71
CA SER B 38 13.78 24.03 -13.01
C SER B 38 12.56 24.46 -13.85
N SER B 39 12.80 24.72 -15.14
CA SER B 39 11.78 25.01 -16.18
C SER B 39 11.08 23.73 -16.63
N SER B 40 11.84 22.64 -16.76
CA SER B 40 11.44 21.35 -17.37
C SER B 40 11.92 20.17 -16.51
N VAL B 41 11.03 19.62 -15.68
CA VAL B 41 11.34 18.53 -14.69
C VAL B 41 10.78 17.21 -15.25
N VAL B 42 11.64 16.20 -15.39
CA VAL B 42 11.27 14.83 -15.85
C VAL B 42 11.51 13.86 -14.69
N PHE B 43 10.59 12.93 -14.46
CA PHE B 43 10.69 11.87 -13.42
C PHE B 43 10.92 10.53 -14.12
N HIS B 44 11.93 9.78 -13.66
CA HIS B 44 12.20 8.38 -14.09
C HIS B 44 11.80 7.45 -12.95
N THR B 45 10.85 6.54 -13.16
CA THR B 45 10.37 5.64 -12.08
C THR B 45 10.73 4.17 -12.34
N GLY B 46 10.81 3.42 -11.25
CA GLY B 46 11.14 1.99 -11.23
C GLY B 46 10.36 1.33 -10.10
N ALA B 47 10.53 0.01 -9.91
CA ALA B 47 9.61 -0.83 -9.11
C ALA B 47 9.53 -0.40 -7.63
N GLY B 48 10.45 0.44 -7.14
CA GLY B 48 10.46 0.95 -5.75
C GLY B 48 9.24 1.78 -5.42
N ILE B 49 8.70 2.49 -6.42
CA ILE B 49 7.52 3.38 -6.23
C ILE B 49 6.26 2.53 -5.99
N SER B 50 6.27 1.24 -6.37
CA SER B 50 5.08 0.36 -6.28
C SER B 50 5.22 -0.66 -5.13
N THR B 51 6.25 -0.59 -4.30
CA THR B 51 6.50 -1.60 -3.25
C THR B 51 5.56 -1.40 -2.06
N ALA B 52 5.19 -0.15 -1.76
CA ALA B 52 4.23 0.19 -0.69
C ALA B 52 2.81 -0.24 -1.07
N SER B 53 2.57 -0.66 -2.32
CA SER B 53 1.28 -1.23 -2.82
C SER B 53 1.26 -2.76 -2.66
N GLY B 54 2.40 -3.37 -2.31
CA GLY B 54 2.53 -4.82 -2.09
C GLY B 54 3.11 -5.55 -3.30
N ILE B 55 3.56 -4.79 -4.31
CA ILE B 55 4.18 -5.34 -5.55
C ILE B 55 5.69 -5.40 -5.32
N PRO B 56 6.30 -6.60 -5.18
CA PRO B 56 7.73 -6.68 -4.91
C PRO B 56 8.56 -6.01 -6.00
N ASP B 57 9.75 -5.52 -5.63
CA ASP B 57 10.73 -4.97 -6.62
C ASP B 57 11.51 -6.13 -7.22
N PHE B 58 12.62 -5.85 -7.90
CA PHE B 58 13.42 -6.87 -8.63
C PHE B 58 14.75 -7.12 -7.92
N ARG B 59 15.50 -6.07 -7.63
CA ARG B 59 16.90 -6.20 -7.14
C ARG B 59 17.04 -5.74 -5.69
N GLY B 60 15.93 -5.60 -4.95
CA GLY B 60 15.98 -5.12 -3.55
C GLY B 60 16.06 -6.28 -2.56
N PRO B 61 16.12 -6.04 -1.23
CA PRO B 61 16.31 -7.12 -0.27
C PRO B 61 15.44 -8.34 -0.56
N HIS B 62 14.15 -8.13 -0.83
CA HIS B 62 13.19 -9.22 -1.14
C HIS B 62 12.67 -9.03 -2.56
N GLY B 63 13.56 -8.66 -3.49
CA GLY B 63 13.22 -8.51 -4.92
C GLY B 63 13.06 -9.84 -5.60
N VAL B 64 12.41 -9.86 -6.76
CA VAL B 64 12.18 -11.08 -7.57
C VAL B 64 13.54 -11.75 -7.82
N TRP B 65 14.46 -11.03 -8.46
CA TRP B 65 15.82 -11.56 -8.79
C TRP B 65 16.59 -11.88 -7.50
N THR B 66 16.41 -11.08 -6.45
CA THR B 66 17.17 -11.20 -5.16
C THR B 66 16.77 -12.49 -4.45
N MET B 67 15.46 -12.75 -4.30
CA MET B 67 14.94 -13.98 -3.64
C MET B 67 15.23 -15.21 -4.51
N GLU B 68 15.28 -15.02 -5.83
CA GLU B 68 15.56 -16.09 -6.83
C GLU B 68 17.00 -16.61 -6.65
N GLU B 69 17.97 -15.71 -6.52
CA GLU B 69 19.40 -16.03 -6.24
C GLU B 69 19.50 -16.87 -4.96
N ARG B 70 18.76 -16.49 -3.91
CA ARG B 70 18.76 -17.17 -2.58
C ARG B 70 17.75 -18.33 -2.58
N GLY B 71 17.24 -18.73 -3.76
CA GLY B 71 16.36 -19.90 -3.94
C GLY B 71 15.02 -19.74 -3.22
N LEU B 72 14.58 -18.49 -3.05
CA LEU B 72 13.27 -18.15 -2.42
C LEU B 72 12.36 -17.54 -3.49
N ALA B 73 11.11 -17.27 -3.14
CA ALA B 73 10.09 -16.72 -4.08
C ALA B 73 9.80 -15.27 -3.71
N PRO B 74 9.57 -14.37 -4.70
CA PRO B 74 9.03 -13.04 -4.40
C PRO B 74 7.61 -13.19 -3.84
N LYS B 75 7.25 -12.34 -2.86
CA LYS B 75 5.93 -12.39 -2.18
C LYS B 75 5.15 -11.14 -2.59
N PHE B 76 4.01 -11.33 -3.26
CA PHE B 76 3.03 -10.28 -3.63
C PHE B 76 1.98 -10.17 -2.52
N ASP B 77 1.76 -8.96 -2.00
CA ASP B 77 0.75 -8.67 -0.95
C ASP B 77 -0.54 -8.19 -1.61
N THR B 78 -0.55 -8.10 -2.95
CA THR B 78 -1.74 -7.78 -3.77
C THR B 78 -1.64 -8.46 -5.14
N THR B 79 -2.75 -8.50 -5.86
CA THR B 79 -2.79 -8.80 -7.31
C THR B 79 -2.52 -7.48 -8.04
N PHE B 80 -2.19 -7.55 -9.34
CA PHE B 80 -1.94 -6.36 -10.17
C PHE B 80 -3.24 -5.56 -10.30
N GLU B 81 -4.36 -6.28 -10.39
CA GLU B 81 -5.72 -5.71 -10.60
C GLU B 81 -6.19 -4.93 -9.36
N SER B 82 -5.89 -5.44 -8.15
CA SER B 82 -6.35 -4.89 -6.84
C SER B 82 -5.29 -3.99 -6.21
N ALA B 83 -4.20 -3.66 -6.91
CA ALA B 83 -3.13 -2.78 -6.42
C ALA B 83 -3.58 -1.32 -6.53
N ARG B 84 -3.49 -0.56 -5.43
CA ARG B 84 -3.72 0.91 -5.44
C ARG B 84 -2.40 1.60 -5.75
N PRO B 85 -2.39 2.58 -6.68
CA PRO B 85 -1.26 3.50 -6.83
C PRO B 85 -0.83 4.07 -5.47
N THR B 86 0.48 4.29 -5.30
CA THR B 86 1.08 4.83 -4.06
C THR B 86 0.86 6.34 -3.99
N GLN B 87 1.07 6.89 -2.80
CA GLN B 87 1.23 8.34 -2.51
C GLN B 87 2.17 8.97 -3.54
N THR B 88 3.28 8.29 -3.86
CA THR B 88 4.26 8.71 -4.91
C THR B 88 3.55 8.79 -6.26
N HIS B 89 2.80 7.75 -6.63
CA HIS B 89 2.04 7.66 -7.91
C HIS B 89 1.10 8.85 -8.04
N MET B 90 0.41 9.16 -6.94
CA MET B 90 -0.63 10.21 -6.88
C MET B 90 0.02 11.59 -6.77
N ALA B 91 1.21 11.69 -6.14
CA ALA B 91 2.04 12.92 -6.13
C ALA B 91 2.47 13.26 -7.57
N LEU B 92 2.94 12.27 -8.34
CA LEU B 92 3.40 12.47 -9.74
C LEU B 92 2.23 12.96 -10.59
N VAL B 93 1.00 12.63 -10.20
CA VAL B 93 -0.22 13.05 -10.95
C VAL B 93 -0.42 14.56 -10.75
N GLN B 94 -0.44 15.01 -9.49
CA GLN B 94 -0.66 16.44 -9.15
C GLN B 94 0.45 17.28 -9.79
N LEU B 95 1.70 16.83 -9.71
CA LEU B 95 2.85 17.59 -10.22
C LEU B 95 2.69 17.83 -11.73
N GLU B 96 2.20 16.84 -12.47
CA GLU B 96 1.93 17.02 -13.93
C GLU B 96 0.76 18.00 -14.10
N ARG B 97 -0.29 17.84 -13.29
CA ARG B 97 -1.52 18.67 -13.42
C ARG B 97 -1.18 20.14 -13.18
N VAL B 98 -0.23 20.42 -12.29
CA VAL B 98 0.13 21.82 -11.90
C VAL B 98 1.27 22.33 -12.79
N GLY B 99 1.76 21.54 -13.74
CA GLY B 99 2.77 21.99 -14.73
C GLY B 99 4.20 21.89 -14.21
N LEU B 100 4.42 21.22 -13.07
CA LEU B 100 5.77 21.06 -12.46
C LEU B 100 6.40 19.73 -12.90
N LEU B 101 5.83 19.03 -13.89
CA LEU B 101 6.34 17.75 -14.43
C LEU B 101 6.15 17.75 -15.95
N ARG B 102 7.24 17.79 -16.72
CA ARG B 102 7.20 17.83 -18.21
C ARG B 102 6.86 16.43 -18.73
N PHE B 103 7.65 15.44 -18.34
CA PHE B 103 7.53 14.04 -18.85
C PHE B 103 7.83 13.07 -17.73
N LEU B 104 7.18 11.90 -17.76
CA LEU B 104 7.39 10.80 -16.80
C LEU B 104 7.88 9.59 -17.60
N VAL B 105 8.98 8.97 -17.16
CA VAL B 105 9.59 7.77 -17.79
C VAL B 105 9.63 6.63 -16.76
N SER B 106 8.94 5.51 -17.04
CA SER B 106 8.86 4.36 -16.12
C SER B 106 9.35 3.08 -16.80
N GLN B 107 10.04 2.25 -16.02
CA GLN B 107 10.51 0.90 -16.39
C GLN B 107 9.51 -0.13 -15.88
N ASN B 108 8.45 0.34 -15.20
CA ASN B 108 7.43 -0.51 -14.56
C ASN B 108 6.41 -1.00 -15.57
N VAL B 109 6.02 -2.26 -15.43
CA VAL B 109 4.97 -2.94 -16.26
C VAL B 109 3.71 -3.15 -15.40
N ASP B 110 3.71 -2.67 -14.15
CA ASP B 110 2.64 -2.90 -13.13
C ASP B 110 1.35 -2.17 -13.51
N GLY B 111 1.45 -1.18 -14.41
CA GLY B 111 0.29 -0.53 -15.05
C GLY B 111 -0.33 0.57 -14.20
N LEU B 112 0.31 0.96 -13.10
CA LEU B 112 -0.30 1.78 -12.02
C LEU B 112 -0.33 3.26 -12.44
N HIS B 113 0.73 3.74 -13.08
CA HIS B 113 0.79 5.11 -13.64
C HIS B 113 -0.48 5.38 -14.44
N VAL B 114 -0.80 4.54 -15.42
CA VAL B 114 -2.02 4.70 -16.26
C VAL B 114 -3.24 4.59 -15.34
N ARG B 115 -3.34 3.53 -14.54
CA ARG B 115 -4.49 3.32 -13.62
C ARG B 115 -4.61 4.51 -12.65
N SER B 116 -3.51 5.22 -12.37
CA SER B 116 -3.47 6.40 -11.47
C SER B 116 -4.26 7.58 -12.06
N GLY B 117 -4.42 7.63 -13.39
CA GLY B 117 -5.09 8.73 -14.11
C GLY B 117 -4.08 9.67 -14.74
N PHE B 118 -2.83 9.23 -14.82
CA PHE B 118 -1.69 10.02 -15.35
C PHE B 118 -1.81 10.07 -16.87
N PRO B 119 -1.62 11.24 -17.51
CA PRO B 119 -1.72 11.35 -18.98
C PRO B 119 -0.69 10.50 -19.74
N ARG B 120 -1.19 9.59 -20.57
CA ARG B 120 -0.39 8.64 -21.39
C ARG B 120 0.55 9.39 -22.36
N ASP B 121 0.19 10.60 -22.78
CA ASP B 121 0.97 11.38 -23.77
C ASP B 121 2.13 12.13 -23.07
N LYS B 122 2.22 12.02 -21.74
CA LYS B 122 3.38 12.54 -20.96
C LYS B 122 4.10 11.39 -20.24
N LEU B 123 3.86 10.15 -20.69
CA LEU B 123 4.41 8.91 -20.09
C LEU B 123 5.02 8.02 -21.19
N ALA B 124 6.25 7.56 -20.98
CA ALA B 124 6.85 6.40 -21.65
C ALA B 124 6.83 5.22 -20.69
N GLU B 125 6.12 4.14 -21.04
CA GLU B 125 6.19 2.82 -20.35
C GLU B 125 7.23 1.98 -21.09
N LEU B 126 8.48 2.06 -20.67
CA LEU B 126 9.65 1.65 -21.49
C LEU B 126 9.75 0.13 -21.60
N HIS B 127 9.21 -0.61 -20.63
CA HIS B 127 9.23 -2.10 -20.60
C HIS B 127 7.82 -2.64 -20.82
N GLY B 128 6.86 -1.75 -21.11
CA GLY B 128 5.47 -2.10 -21.46
C GLY B 128 4.55 -2.03 -20.27
N ASN B 129 3.33 -2.56 -20.42
CA ASN B 129 2.21 -2.44 -19.46
C ASN B 129 1.41 -3.75 -19.50
N MET B 130 1.28 -4.43 -18.35
CA MET B 130 0.57 -5.73 -18.20
C MET B 130 -0.89 -5.62 -18.67
N PHE B 131 -1.49 -4.42 -18.57
CA PHE B 131 -2.91 -4.17 -18.88
C PHE B 131 -3.11 -3.71 -20.34
N VAL B 132 -2.03 -3.38 -21.04
CA VAL B 132 -2.08 -2.82 -22.43
C VAL B 132 -1.68 -3.91 -23.44
N GLU B 133 -2.62 -4.31 -24.29
CA GLU B 133 -2.33 -5.10 -25.53
C GLU B 133 -2.37 -4.14 -26.72
N GLU B 134 -1.64 -4.48 -27.79
CA GLU B 134 -1.42 -3.62 -28.98
C GLU B 134 -1.75 -4.42 -30.24
N CYS B 135 -2.48 -3.81 -31.18
CA CYS B 135 -2.77 -4.42 -32.50
C CYS B 135 -1.49 -4.39 -33.32
N ALA B 136 -0.99 -5.57 -33.73
CA ALA B 136 0.21 -5.66 -34.57
C ALA B 136 -0.05 -4.98 -35.91
N LYS B 137 -1.28 -5.09 -36.44
CA LYS B 137 -1.63 -4.51 -37.76
C LYS B 137 -1.65 -2.98 -37.70
N CYS B 138 -2.43 -2.37 -36.79
CA CYS B 138 -2.63 -0.89 -36.83
C CYS B 138 -1.96 -0.18 -35.65
N LYS B 139 -1.38 -0.93 -34.71
CA LYS B 139 -0.63 -0.36 -33.55
C LYS B 139 -1.59 0.33 -32.58
N THR B 140 -2.89 0.02 -32.64
CA THR B 140 -3.92 0.53 -31.68
C THR B 140 -3.79 -0.25 -30.37
N GLN B 141 -3.64 0.48 -29.25
CA GLN B 141 -3.45 -0.11 -27.90
C GLN B 141 -4.82 -0.24 -27.21
N TYR B 142 -4.93 -1.18 -26.27
CA TYR B 142 -6.14 -1.42 -25.45
C TYR B 142 -5.70 -1.50 -23.98
N VAL B 143 -6.02 -0.45 -23.21
CA VAL B 143 -5.81 -0.42 -21.73
C VAL B 143 -6.96 -1.21 -21.10
N ARG B 144 -6.68 -2.45 -20.65
CA ARG B 144 -7.69 -3.41 -20.15
C ARG B 144 -7.85 -3.26 -18.62
N ASP B 145 -8.88 -3.88 -18.06
CA ASP B 145 -9.27 -3.78 -16.63
C ASP B 145 -8.69 -4.97 -15.83
N THR B 146 -8.21 -6.01 -16.54
CA THR B 146 -7.43 -7.13 -15.96
C THR B 146 -6.11 -7.25 -16.74
N VAL B 147 -5.10 -7.88 -16.14
CA VAL B 147 -3.75 -8.06 -16.76
C VAL B 147 -3.89 -8.94 -18.00
N VAL B 148 -3.31 -8.50 -19.12
CA VAL B 148 -3.19 -9.31 -20.37
C VAL B 148 -2.38 -10.57 -20.03
N GLY B 149 -2.92 -11.74 -20.33
CA GLY B 149 -2.52 -13.04 -19.76
C GLY B 149 -1.16 -13.54 -20.23
N THR B 150 -0.53 -12.88 -21.21
CA THR B 150 0.74 -13.34 -21.84
C THR B 150 1.89 -12.36 -21.53
N MET B 151 3.11 -12.72 -21.93
CA MET B 151 4.35 -11.91 -21.80
C MET B 151 5.28 -12.22 -22.99
N GLY B 152 6.03 -11.22 -23.45
CA GLY B 152 7.02 -11.36 -24.54
C GLY B 152 6.42 -11.11 -25.92
N LEU B 153 5.54 -10.11 -26.01
CA LEU B 153 4.92 -9.61 -27.27
C LEU B 153 4.18 -10.75 -27.99
N LYS B 154 3.57 -11.67 -27.22
CA LYS B 154 2.81 -12.84 -27.75
C LYS B 154 1.35 -12.46 -27.95
N ALA B 155 0.69 -13.12 -28.92
CA ALA B 155 -0.76 -13.00 -29.22
C ALA B 155 -1.56 -13.35 -27.96
N THR B 156 -2.54 -12.51 -27.63
CA THR B 156 -3.40 -12.63 -26.41
C THR B 156 -4.59 -13.56 -26.71
N GLY B 157 -5.07 -13.57 -27.96
CA GLY B 157 -6.25 -14.34 -28.39
C GLY B 157 -7.36 -13.44 -28.90
N ARG B 158 -7.37 -12.18 -28.45
CA ARG B 158 -8.36 -11.14 -28.89
C ARG B 158 -7.89 -10.53 -30.22
N LEU B 159 -8.81 -9.92 -30.96
CA LEU B 159 -8.54 -9.24 -32.25
C LEU B 159 -8.93 -7.77 -32.15
N CYS B 160 -8.36 -6.94 -33.03
CA CYS B 160 -8.59 -5.47 -33.11
C CYS B 160 -10.06 -5.20 -33.49
N THR B 161 -10.59 -4.05 -33.08
CA THR B 161 -12.02 -3.67 -33.21
C THR B 161 -12.17 -2.29 -33.85
N VAL B 162 -11.13 -1.78 -34.51
CA VAL B 162 -11.14 -0.44 -35.20
C VAL B 162 -12.03 -0.55 -36.44
N ALA B 163 -12.79 0.51 -36.75
CA ALA B 163 -13.79 0.59 -37.84
C ALA B 163 -13.13 0.22 -39.18
N CYS B 171 -10.37 -4.27 -39.30
CA CYS B 171 -8.96 -4.47 -38.88
C CYS B 171 -8.75 -5.94 -38.47
N ARG B 172 -9.49 -6.39 -37.44
CA ARG B 172 -9.40 -7.78 -36.90
C ARG B 172 -7.93 -8.18 -36.75
N GLY B 173 -7.05 -7.21 -36.50
CA GLY B 173 -5.60 -7.43 -36.34
C GLY B 173 -5.29 -8.16 -35.04
N GLU B 174 -4.25 -8.99 -35.06
CA GLU B 174 -3.78 -9.79 -33.90
C GLU B 174 -3.40 -8.82 -32.76
N LEU B 175 -4.00 -9.00 -31.58
CA LEU B 175 -3.63 -8.27 -30.34
C LEU B 175 -2.58 -9.07 -29.56
N ARG B 176 -1.47 -8.43 -29.19
CA ARG B 176 -0.35 -9.03 -28.42
C ARG B 176 -0.06 -8.16 -27.19
N ASP B 177 0.60 -8.73 -26.18
CA ASP B 177 1.05 -8.01 -24.96
C ASP B 177 2.11 -6.96 -25.35
N THR B 178 2.44 -6.05 -24.43
CA THR B 178 3.45 -4.97 -24.62
C THR B 178 4.67 -5.21 -23.72
N ILE B 179 4.71 -6.37 -23.04
CA ILE B 179 5.80 -6.73 -22.08
C ILE B 179 7.01 -7.22 -22.86
N LEU B 180 8.09 -6.41 -22.91
CA LEU B 180 9.37 -6.78 -23.57
C LEU B 180 9.93 -8.05 -22.93
N ASP B 181 10.36 -9.00 -23.76
CA ASP B 181 11.19 -10.16 -23.32
C ASP B 181 12.65 -9.67 -23.25
N TRP B 182 13.53 -10.47 -22.65
CA TRP B 182 14.97 -10.13 -22.44
C TRP B 182 15.62 -9.68 -23.77
N GLU B 183 15.28 -10.33 -24.88
CA GLU B 183 15.88 -10.08 -26.23
C GLU B 183 15.27 -8.84 -26.87
N ASP B 184 13.99 -8.55 -26.59
CA ASP B 184 13.17 -7.53 -27.29
C ASP B 184 13.75 -6.13 -27.08
N SER B 185 13.87 -5.35 -28.16
CA SER B 185 14.24 -3.91 -28.16
C SER B 185 13.07 -3.10 -27.55
N LEU B 186 13.39 -1.94 -26.97
CA LEU B 186 12.38 -1.01 -26.38
C LEU B 186 11.49 -0.44 -27.48
N PRO B 187 10.24 -0.05 -27.17
CA PRO B 187 9.38 0.61 -28.15
C PRO B 187 9.95 1.99 -28.50
N ASP B 188 10.17 2.24 -29.79
CA ASP B 188 10.93 3.40 -30.34
C ASP B 188 10.20 4.71 -30.03
N ARG B 189 8.87 4.74 -30.17
CA ARG B 189 8.04 5.95 -29.91
C ARG B 189 8.26 6.41 -28.46
N ASP B 190 8.05 5.49 -27.51
CA ASP B 190 8.18 5.74 -26.05
C ASP B 190 9.63 6.16 -25.73
N LEU B 191 10.61 5.40 -26.24
CA LEU B 191 12.06 5.63 -25.99
C LEU B 191 12.49 6.98 -26.58
N ALA B 192 12.01 7.30 -27.78
CA ALA B 192 12.32 8.57 -28.50
C ALA B 192 11.81 9.75 -27.67
N LEU B 193 10.52 9.75 -27.30
CA LEU B 193 9.90 10.82 -26.49
C LEU B 193 10.63 10.91 -25.13
N ALA B 194 10.91 9.75 -24.53
CA ALA B 194 11.64 9.61 -23.24
C ALA B 194 13.05 10.21 -23.34
N ASP B 195 13.70 10.06 -24.50
CA ASP B 195 15.09 10.54 -24.74
C ASP B 195 15.07 12.07 -24.92
N GLU B 196 14.18 12.56 -25.79
CA GLU B 196 13.96 14.01 -26.04
C GLU B 196 13.73 14.72 -24.69
N ALA B 197 12.76 14.23 -23.92
CA ALA B 197 12.40 14.74 -22.58
C ALA B 197 13.63 14.78 -21.68
N SER B 198 14.41 13.70 -21.67
CA SER B 198 15.61 13.51 -20.81
C SER B 198 16.73 14.49 -21.20
N ARG B 199 17.01 14.62 -22.50
CA ARG B 199 18.03 15.55 -23.05
C ARG B 199 17.60 16.99 -22.80
N ASN B 200 16.32 17.32 -23.05
CA ASN B 200 15.77 18.70 -22.96
C ASN B 200 15.66 19.13 -21.50
N ALA B 201 15.48 18.19 -20.57
CA ALA B 201 15.24 18.45 -19.13
C ALA B 201 16.40 19.25 -18.52
N ASP B 202 16.09 20.13 -17.57
CA ASP B 202 17.11 20.80 -16.71
C ASP B 202 17.10 20.12 -15.34
N LEU B 203 16.05 19.33 -15.03
CA LEU B 203 15.99 18.49 -13.81
C LEU B 203 15.43 17.10 -14.16
N SER B 204 16.19 16.06 -13.82
CA SER B 204 15.80 14.63 -13.89
C SER B 204 15.86 14.04 -12.49
N ILE B 205 14.72 13.52 -12.00
CA ILE B 205 14.59 12.91 -10.65
C ILE B 205 14.25 11.44 -10.85
N THR B 206 15.08 10.51 -10.35
CA THR B 206 14.82 9.05 -10.42
C THR B 206 14.17 8.63 -9.10
N LEU B 207 13.06 7.87 -9.16
CA LEU B 207 12.28 7.40 -7.99
C LEU B 207 12.20 5.87 -7.98
N GLY B 208 12.88 5.21 -7.05
CA GLY B 208 12.72 3.76 -6.82
C GLY B 208 13.23 2.91 -7.97
N THR B 209 14.28 3.35 -8.66
CA THR B 209 14.95 2.55 -9.73
C THR B 209 16.44 2.42 -9.39
N SER B 210 17.02 1.24 -9.66
CA SER B 210 18.46 0.93 -9.44
C SER B 210 19.31 1.45 -10.60
N LEU B 211 18.66 1.82 -11.71
CA LEU B 211 19.31 2.40 -12.92
C LEU B 211 20.37 1.44 -13.45
N GLN B 212 20.05 0.14 -13.53
CA GLN B 212 20.99 -0.95 -13.90
C GLN B 212 20.73 -1.44 -15.34
N ILE B 213 19.61 -1.07 -15.94
CA ILE B 213 19.19 -1.52 -17.31
C ILE B 213 19.58 -0.45 -18.33
N ARG B 214 20.11 -0.90 -19.48
CA ARG B 214 20.36 -0.04 -20.68
C ARG B 214 19.16 -0.15 -21.62
N PRO B 215 18.70 0.94 -22.28
CA PRO B 215 19.16 2.30 -22.03
C PRO B 215 18.34 3.07 -21.00
N SER B 216 17.30 2.44 -20.45
CA SER B 216 16.36 3.02 -19.45
C SER B 216 17.14 3.81 -18.39
N GLY B 217 18.05 3.11 -17.70
CA GLY B 217 18.82 3.64 -16.54
C GLY B 217 19.75 4.78 -16.92
N ASN B 218 20.13 4.89 -18.19
CA ASN B 218 21.11 5.90 -18.68
C ASN B 218 20.43 7.24 -19.02
N LEU B 219 19.10 7.27 -19.17
CA LEU B 219 18.34 8.47 -19.64
C LEU B 219 18.48 9.65 -18.67
N PRO B 220 18.43 9.44 -17.33
CA PRO B 220 18.69 10.52 -16.39
C PRO B 220 20.04 11.22 -16.58
N LEU B 221 21.03 10.55 -17.19
CA LEU B 221 22.40 11.10 -17.43
C LEU B 221 22.41 12.02 -18.66
N ALA B 222 21.45 11.84 -19.58
CA ALA B 222 21.25 12.73 -20.75
C ALA B 222 20.93 14.15 -20.25
N THR B 223 20.15 14.25 -19.17
CA THR B 223 19.79 15.52 -18.49
C THR B 223 21.07 16.24 -18.05
N LYS B 224 22.02 15.50 -17.44
CA LYS B 224 23.23 16.10 -16.82
C LYS B 224 24.08 16.79 -17.89
N ARG B 225 24.12 16.25 -19.11
CA ARG B 225 24.68 16.93 -20.31
C ARG B 225 23.88 18.22 -20.56
N ARG B 226 24.58 19.31 -20.90
CA ARG B 226 24.04 20.69 -21.06
C ARG B 226 23.64 21.26 -19.69
N GLY B 227 24.23 20.76 -18.61
CA GLY B 227 24.22 21.39 -17.27
C GLY B 227 22.96 21.10 -16.47
N GLY B 228 22.14 20.13 -16.90
CA GLY B 228 20.95 19.70 -16.16
C GLY B 228 21.32 19.05 -14.83
N ARG B 229 20.43 19.11 -13.84
CA ARG B 229 20.65 18.51 -12.49
C ARG B 229 20.01 17.12 -12.45
N LEU B 230 20.63 16.20 -11.71
CA LEU B 230 20.19 14.79 -11.53
C LEU B 230 19.95 14.52 -10.04
N VAL B 231 18.75 14.10 -9.68
CA VAL B 231 18.41 13.69 -8.27
C VAL B 231 18.00 12.21 -8.27
N ILE B 232 18.65 11.41 -7.42
CA ILE B 232 18.39 9.96 -7.24
C ILE B 232 17.75 9.74 -5.86
N VAL B 233 16.49 9.28 -5.85
CA VAL B 233 15.79 8.86 -4.60
C VAL B 233 15.64 7.34 -4.64
N ASN B 234 16.42 6.64 -3.81
CA ASN B 234 16.52 5.16 -3.84
C ASN B 234 17.07 4.68 -2.48
N LEU B 235 16.54 3.57 -1.98
CA LEU B 235 16.94 3.00 -0.66
C LEU B 235 18.32 2.33 -0.76
N GLN B 236 18.70 1.90 -1.96
CA GLN B 236 19.99 1.21 -2.25
C GLN B 236 20.87 2.10 -3.11
N PRO B 237 22.18 1.79 -3.23
CA PRO B 237 23.01 2.36 -4.29
C PRO B 237 22.38 2.12 -5.66
N THR B 238 22.89 2.80 -6.69
CA THR B 238 22.40 2.76 -8.10
C THR B 238 23.58 2.94 -9.03
N LYS B 239 23.55 2.34 -10.22
CA LYS B 239 24.69 2.38 -11.19
C LYS B 239 25.33 3.78 -11.18
N HIS B 240 24.51 4.83 -11.32
CA HIS B 240 24.96 6.20 -11.66
C HIS B 240 24.95 7.15 -10.45
N ASP B 241 25.00 6.63 -9.22
CA ASP B 241 25.05 7.44 -7.97
C ASP B 241 26.11 8.55 -8.09
N ARG B 242 27.21 8.28 -8.80
CA ARG B 242 28.37 9.20 -8.94
C ARG B 242 27.97 10.49 -9.67
N HIS B 243 27.00 10.42 -10.58
CA HIS B 243 26.61 11.55 -11.49
C HIS B 243 25.52 12.43 -10.87
N ALA B 244 24.96 12.04 -9.73
CA ALA B 244 23.84 12.74 -9.06
C ALA B 244 24.33 14.02 -8.38
N ASP B 245 23.52 15.09 -8.39
CA ASP B 245 23.77 16.33 -7.61
C ASP B 245 23.16 16.18 -6.21
N LEU B 246 22.33 15.15 -6.02
CA LEU B 246 21.58 14.89 -4.76
C LEU B 246 21.05 13.46 -4.79
N ARG B 247 21.51 12.63 -3.85
CA ARG B 247 20.95 11.27 -3.60
C ARG B 247 20.17 11.30 -2.28
N ILE B 248 18.93 10.83 -2.31
CA ILE B 248 18.08 10.74 -1.09
C ILE B 248 17.83 9.25 -0.83
N HIS B 249 18.26 8.77 0.34
CA HIS B 249 18.14 7.36 0.79
C HIS B 249 17.00 7.28 1.81
N GLY B 250 15.81 6.90 1.33
CA GLY B 250 14.59 6.81 2.13
C GLY B 250 13.43 6.34 1.28
N TYR B 251 12.32 5.99 1.95
CA TYR B 251 11.04 5.63 1.30
C TYR B 251 10.58 6.83 0.47
N VAL B 252 10.23 6.59 -0.78
CA VAL B 252 9.87 7.64 -1.78
C VAL B 252 8.52 8.25 -1.40
N ASP B 253 7.63 7.47 -0.78
CA ASP B 253 6.34 7.99 -0.24
C ASP B 253 6.61 9.11 0.75
N GLU B 254 7.60 8.94 1.62
CA GLU B 254 7.98 9.94 2.65
C GLU B 254 8.59 11.18 1.97
N VAL B 255 9.52 10.95 1.04
CA VAL B 255 10.25 12.04 0.31
C VAL B 255 9.22 12.86 -0.45
N MET B 256 8.36 12.18 -1.21
CA MET B 256 7.34 12.82 -2.09
C MET B 256 6.25 13.48 -1.24
N THR B 257 5.87 12.92 -0.10
CA THR B 257 4.84 13.54 0.79
C THR B 257 5.40 14.82 1.39
N ARG B 258 6.65 14.81 1.85
CA ARG B 258 7.36 16.01 2.38
C ARG B 258 7.58 17.02 1.25
N LEU B 259 8.04 16.55 0.08
CA LEU B 259 8.29 17.43 -1.11
C LEU B 259 7.00 18.19 -1.45
N MET B 260 5.89 17.47 -1.67
CA MET B 260 4.58 18.05 -2.07
C MET B 260 4.13 19.09 -1.03
N LYS B 261 4.35 18.81 0.26
CA LYS B 261 4.03 19.74 1.37
C LYS B 261 4.90 21.00 1.26
N HIS B 262 6.15 20.88 0.81
CA HIS B 262 7.06 22.05 0.61
C HIS B 262 6.55 22.87 -0.59
N LEU B 263 5.94 22.20 -1.58
CA LEU B 263 5.47 22.82 -2.86
C LEU B 263 4.06 23.40 -2.69
N GLY B 264 3.39 23.14 -1.56
CA GLY B 264 2.06 23.67 -1.24
C GLY B 264 0.96 22.94 -1.99
N LEU B 265 1.20 21.66 -2.33
CA LEU B 265 0.33 20.82 -3.18
C LEU B 265 -0.29 19.71 -2.33
N GLU B 266 -1.58 19.45 -2.52
CA GLU B 266 -2.27 18.25 -1.98
C GLU B 266 -1.96 17.05 -2.88
N ILE B 267 -1.82 15.86 -2.28
CA ILE B 267 -1.76 14.57 -3.01
C ILE B 267 -3.20 14.11 -3.24
N PRO B 268 -3.66 14.04 -4.52
CA PRO B 268 -5.05 13.73 -4.82
C PRO B 268 -5.56 12.33 -4.45
N ALA B 269 -6.88 12.24 -4.28
CA ALA B 269 -7.63 10.99 -4.04
C ALA B 269 -7.58 10.12 -5.30
N TRP B 270 -7.51 8.81 -5.11
CA TRP B 270 -7.65 7.79 -6.19
C TRP B 270 -9.11 7.33 -6.25
N ASP B 271 -9.80 7.63 -7.36
CA ASP B 271 -11.24 7.34 -7.57
C ASP B 271 -11.40 5.93 -8.15
N GLY B 272 -10.30 5.14 -8.16
CA GLY B 272 -10.26 3.80 -8.78
C GLY B 272 -9.63 3.89 -10.17
N PRO B 273 -9.50 2.76 -10.90
CA PRO B 273 -8.79 2.75 -12.18
C PRO B 273 -9.40 3.75 -13.18
N ARG B 274 -8.62 4.72 -13.65
CA ARG B 274 -9.04 5.69 -14.70
C ARG B 274 -7.95 5.85 -15.75
N VAL B 275 -8.33 6.02 -17.02
CA VAL B 275 -7.40 6.13 -18.18
C VAL B 275 -7.55 7.52 -18.78
N LEU B 276 -6.46 8.31 -18.72
CA LEU B 276 -6.37 9.67 -19.32
C LEU B 276 -5.39 9.63 -20.48
N GLU B 277 -5.88 9.60 -21.72
CA GLU B 277 -5.06 9.54 -22.95
C GLU B 277 -4.18 10.78 -23.04
N ARG B 278 -4.81 11.97 -23.03
CA ARG B 278 -4.15 13.28 -23.29
C ARG B 278 -4.16 14.12 -22.02
N ALA B 279 -3.12 14.94 -21.86
CA ALA B 279 -2.89 15.84 -20.72
C ALA B 279 -3.70 17.12 -20.93
N LEU B 280 -4.12 17.74 -19.83
CA LEU B 280 -4.94 18.98 -19.83
C LEU B 280 -4.03 20.19 -19.65
N PRO B 281 -4.50 21.43 -19.93
CA PRO B 281 -3.71 22.61 -19.61
C PRO B 281 -3.38 22.60 -18.13
N PRO B 282 -2.27 23.24 -17.70
CA PRO B 282 -1.88 23.24 -16.30
C PRO B 282 -2.95 23.86 -15.39
N LEU B 283 -3.16 23.25 -14.22
CA LEU B 283 -4.09 23.78 -13.19
C LEU B 283 -3.34 24.82 -12.35
N PRO B 284 -4.05 25.76 -11.67
CA PRO B 284 -3.37 26.73 -10.80
C PRO B 284 -2.40 26.04 -9.83
N ARG B 285 -1.28 26.72 -9.49
CA ARG B 285 -0.30 26.22 -8.49
C ARG B 285 0.21 27.37 -7.63
N PRO B 286 0.66 27.09 -6.38
CA PRO B 286 1.17 28.14 -5.50
C PRO B 286 2.29 28.94 -6.12
N PRO B 287 2.46 30.22 -5.70
CA PRO B 287 3.54 31.07 -6.18
C PRO B 287 4.88 30.64 -5.58
N THR B 288 5.96 30.81 -6.36
CA THR B 288 7.32 30.28 -6.06
C THR B 288 7.95 31.12 -4.96
N PRO B 289 8.55 30.49 -3.92
CA PRO B 289 9.39 31.22 -2.96
C PRO B 289 10.55 31.98 -3.63
N LYS B 290 11.09 32.96 -2.91
CA LYS B 290 12.38 33.63 -3.21
C LYS B 290 13.50 32.66 -2.82
N LEU B 291 14.36 32.29 -3.77
CA LEU B 291 15.36 31.20 -3.60
C LEU B 291 16.71 31.77 -3.16
N GLU B 292 17.16 32.87 -3.79
CA GLU B 292 18.38 33.64 -3.38
C GLU B 292 17.95 35.04 -2.92
N1 AR6 C . -4.81 -10.63 2.26
C2 AR6 C . -5.24 -11.56 3.12
N3 AR6 C . -4.57 -12.21 4.06
C4 AR6 C . -3.29 -11.82 4.09
C5 AR6 C . -2.69 -10.87 3.27
C6 AR6 C . -3.52 -10.26 2.31
N6 AR6 C . -3.09 -9.33 1.46
N7 AR6 C . -1.36 -10.75 3.60
C8 AR6 C . -1.17 -11.60 4.59
N9 AR6 C . -2.31 -12.28 4.92
PA AR6 C . -0.20 -13.37 11.45
PB AR6 C . -1.78 -11.78 13.39
C1' AR6 C . -2.50 -13.30 5.96
O1A AR6 C . -0.06 -14.38 12.53
O1B AR6 C . -2.32 -10.39 13.25
C1D AR6 C . 2.16 -11.36 17.01
O1D AR6 C . 3.05 -11.83 17.94
C2' AR6 C . -1.34 -14.27 6.13
O2' AR6 C . -1.46 -15.32 5.19
O2A AR6 C . 1.02 -12.94 10.69
O2B AR6 C . -2.73 -12.91 13.62
C2D AR6 C . 1.62 -9.99 17.41
O2D AR6 C . 1.45 -9.89 18.80
C3' AR6 C . -1.55 -14.74 7.59
O3' AR6 C . -2.30 -15.94 7.59
O3A AR6 C . -0.93 -12.09 12.05
C3D AR6 C . 0.31 -9.97 16.60
O3D AR6 C . -0.67 -9.00 16.97
C4' AR6 C . -2.37 -13.61 8.24
O4' AR6 C . -2.60 -12.63 7.20
C4D AR6 C . -0.19 -11.39 16.88
O4D AR6 C . 1.01 -12.21 16.93
C5' AR6 C . -1.75 -12.90 9.42
O5' AR6 C . -1.32 -13.86 10.42
C5D AR6 C . -1.17 -11.97 15.90
O5D AR6 C . -0.67 -11.80 14.55
ZN ZN D . -2.23 11.85 33.79
C1 4NC E . 4.07 -6.02 11.92
C2 4NC E . 3.68 -4.95 12.75
C3 4NC E . 4.63 -4.28 13.50
C4 4NC E . 5.96 -4.69 13.42
C5 4NC E . 6.35 -5.75 12.60
C6 4NC E . 5.39 -6.40 11.86
O7 4NC E . 3.14 -6.69 11.21
O8 4NC E . 2.37 -4.56 12.81
N9 4NC E . 6.97 -3.99 14.21
O10 4NC E . 8.10 -3.92 13.77
O11 4NC E . 6.62 -3.52 15.29
C1 EDO F . 5.31 -9.82 19.88
O1 EDO F . 5.10 -8.49 19.41
C2 EDO F . 4.74 -10.08 21.26
O2 EDO F . 3.91 -9.04 21.76
C1 EDO G . 0.19 -11.51 -7.82
O1 EDO G . -0.50 -11.90 -8.98
C2 EDO G . -0.51 -11.94 -6.59
O2 EDO G . -1.11 -13.22 -6.69
S SO4 H . 8.42 -8.45 1.25
O1 SO4 H . 7.27 -8.90 1.99
O2 SO4 H . 9.58 -9.16 1.71
O3 SO4 H . 8.21 -8.69 -0.16
O4 SO4 H . 8.62 -7.05 1.47
S SO4 I . -12.75 -24.04 1.73
O1 SO4 I . -12.56 -23.78 3.13
O2 SO4 I . -12.95 -25.45 1.52
O3 SO4 I . -11.59 -23.59 1.02
O4 SO4 I . -13.92 -23.34 1.26
C1 PEG J . 11.63 0.89 9.03
O1 PEG J . 11.14 1.36 7.80
C2 PEG J . 10.53 0.48 9.95
O2 PEG J . 10.97 -0.59 10.78
C3 PEG J . 10.13 -0.85 11.90
C4 PEG J . 10.93 -1.38 13.04
O4 PEG J . 10.34 -1.10 14.30
N1 AR6 K . 11.48 3.84 -1.66
C2 AR6 K . 12.59 4.05 -2.39
N3 AR6 K . 13.33 3.18 -3.06
C4 AR6 K . 12.83 1.94 -2.93
C5 AR6 K . 11.71 1.56 -2.21
C6 AR6 K . 11.01 2.58 -1.54
N6 AR6 K . 9.91 2.36 -0.82
N7 AR6 K . 11.52 0.19 -2.31
C8 AR6 K . 12.50 -0.23 -3.08
N9 AR6 K . 13.32 0.79 -3.47
PA AR6 K . 14.98 -2.61 -9.25
PB AR6 K . 13.93 -1.33 -11.64
C1' AR6 K . 14.49 0.70 -4.33
O1A AR6 K . 16.17 -3.00 -10.06
O1B AR6 K . 12.60 -0.73 -11.96
C1D AR6 K . 13.86 -5.74 -14.39
O1D AR6 K . 14.44 -6.76 -15.11
C2' AR6 K . 15.30 -0.58 -4.14
O2' AR6 K . 16.21 -0.43 -3.07
O2A AR6 K . 14.45 -3.57 -8.25
O2B AR6 K . 15.12 -0.42 -11.53
C2D AR6 K . 12.49 -5.42 -14.97
O2D AR6 K . 12.41 -5.55 -16.37
C3' AR6 K . 15.96 -0.74 -5.52
O3' AR6 K . 17.26 -0.18 -5.56
O3A AR6 K . 13.81 -2.15 -10.26
C3D AR6 K . 12.32 -3.97 -14.52
O3D AR6 K . 11.31 -3.29 -15.24
C4' AR6 K . 15.04 0.02 -6.48
O4' AR6 K . 14.03 0.66 -5.65
C4D AR6 K . 13.73 -3.44 -14.84
O4D AR6 K . 14.61 -4.54 -14.54
C5' AR6 K . 14.32 -0.81 -7.52
O5' AR6 K . 15.28 -1.22 -8.52
C5D AR6 K . 14.15 -2.21 -14.09
O5D AR6 K . 14.24 -2.50 -12.68
ZN ZN L . -5.91 -3.07 -35.69
C1 4NC M . 7.34 -6.16 -10.31
C2 4NC M . 6.52 -5.86 -11.40
C3 4NC M . 6.00 -6.88 -12.15
C4 4NC M . 6.30 -8.20 -11.81
C5 4NC M . 7.12 -8.51 -10.73
C6 4NC M . 7.64 -7.46 -9.98
O7 4NC M . 7.86 -5.13 -9.58
O8 4NC M . 6.24 -4.56 -11.70
N9 4NC M . 5.74 -9.27 -12.61
O10 4NC M . 6.29 -10.37 -12.58
O11 4NC M . 4.75 -9.04 -13.29
S SO4 N . 25.13 10.73 -0.16
O1 SO4 N . 25.31 9.96 1.05
O2 SO4 N . 24.01 11.61 -0.01
O3 SO4 N . 24.89 9.83 -1.26
O4 SO4 N . 26.31 11.50 -0.43
S SO4 O . -7.40 8.02 -1.58
O1 SO4 O . -6.76 8.93 -0.66
O2 SO4 O . -7.63 6.77 -0.92
O3 SO4 O . -8.64 8.58 -2.04
O4 SO4 O . -6.53 7.82 -2.72
#